data_2YWF
#
_entry.id   2YWF
#
_cell.length_a   81.451
_cell.length_b   116.142
_cell.length_c   123.329
_cell.angle_alpha   90.00
_cell.angle_beta   90.00
_cell.angle_gamma   90.00
#
_symmetry.space_group_name_H-M   'C 2 2 21'
#
loop_
_entity.id
_entity.type
_entity.pdbx_description
1 polymer 'GTP-binding protein lepA'
2 non-polymer 'MAGNESIUM ION'
3 non-polymer 'PHOSPHOAMINOPHOSPHONIC ACID-GUANYLATE ESTER'
4 water water
#
_entity_poly.entity_id   1
_entity_poly.type   'polypeptide(L)'
_entity_poly.pdbx_seq_one_letter_code
;MEQKNVRNFCIIAHVDHGKSTLADRLLEYTGAISEREKREQLLDTLDVERERGITVKMQAVRMFYKAKDGNTYKLHLIDT
PGHVDFSYEVSRALAACEGALLLIDASQGIEAQTVANFWKAVEQDLVIIPVINKIDLPSADVDRVKKQIEEVLGLDPEEA
ILASAKEGIGIEEILEAIVNRIPPPKGDPQKPLKALIFDSYYDPYRGAVAFVRIFDGEVKPGDKIMLMSTGKEYEVTEVG
AQTPKMTKFDKLSAGDVGYIAASIKDVRDIRIGDTITHAKNPTKEPVPGFQPAKPMVYAGIYPAEDTTYEELRDALEKYA
INDAAIVYEPESSPALGMGFRVGFLGLLHMEIVQERLEREYGVKIITTAPNVIYRVKKKFTDEVIEVRNPMDFPDNAGLI
EYVEEPFVLVTIITPKEYVGPIIQLCQEKRGIQKNMTYLDPNTVYLEYEMPLSEIIVDFHDKIKSISRGFASYDYEFIGY
RPSDLIKLTVLINKKPVDALSFIVHADRAQKFARRVAEKLRETIPRQLFEVHIQVAKGGKVIASERIKPLRANVTAKCYG
GDVTRKKKLLENQKEGKKRMKQFGKVQLPQEAFLSVLKVE
;
_entity_poly.pdbx_strand_id   A
#
# COMPACT_ATOMS: atom_id res chain seq x y z
N MET A 1 34.24 -18.26 -7.18
CA MET A 1 32.94 -18.05 -6.48
C MET A 1 31.77 -18.12 -7.46
N GLU A 2 30.64 -17.56 -7.06
CA GLU A 2 29.45 -17.55 -7.91
C GLU A 2 28.45 -16.53 -7.40
N GLN A 3 28.51 -16.24 -6.10
CA GLN A 3 27.62 -15.25 -5.50
C GLN A 3 28.10 -13.88 -5.97
N LYS A 4 29.36 -13.81 -6.40
CA LYS A 4 29.94 -12.58 -6.92
C LYS A 4 29.26 -12.21 -8.23
N ASN A 5 28.58 -13.19 -8.83
CA ASN A 5 27.89 -12.97 -10.08
C ASN A 5 26.36 -12.91 -9.94
N VAL A 6 25.90 -12.58 -8.73
CA VAL A 6 24.47 -12.45 -8.48
C VAL A 6 24.08 -10.98 -8.43
N ARG A 7 22.88 -10.68 -8.92
CA ARG A 7 22.40 -9.30 -8.90
C ARG A 7 20.93 -9.28 -8.47
N ASN A 8 20.68 -8.62 -7.33
CA ASN A 8 19.33 -8.50 -6.77
C ASN A 8 18.84 -7.06 -6.89
N PHE A 9 17.77 -6.90 -7.66
CA PHE A 9 17.23 -5.57 -7.90
C PHE A 9 15.71 -5.54 -7.97
N CYS A 10 15.17 -4.34 -7.97
CA CYS A 10 13.73 -4.15 -8.07
C CYS A 10 13.52 -2.95 -8.98
N ILE A 11 12.27 -2.71 -9.33
CA ILE A 11 11.92 -1.57 -10.16
C ILE A 11 11.01 -0.71 -9.29
N ILE A 12 11.31 0.58 -9.23
CA ILE A 12 10.48 1.48 -8.47
C ILE A 12 10.10 2.64 -9.36
N ALA A 13 8.81 2.94 -9.42
CA ALA A 13 8.33 4.01 -10.27
C ALA A 13 6.93 4.43 -9.90
N HIS A 14 6.62 5.68 -10.22
CA HIS A 14 5.30 6.21 -9.97
C HIS A 14 4.37 5.39 -10.87
N VAL A 15 3.14 5.16 -10.43
CA VAL A 15 2.18 4.39 -11.21
C VAL A 15 2.04 4.93 -12.63
N ASP A 16 2.02 4.01 -13.59
CA ASP A 16 1.91 4.33 -15.02
C ASP A 16 3.20 4.69 -15.74
N HIS A 17 4.31 4.81 -15.03
CA HIS A 17 5.56 5.16 -15.69
C HIS A 17 6.21 4.02 -16.48
N GLY A 18 5.66 2.81 -16.35
CA GLY A 18 6.17 1.67 -17.10
C GLY A 18 6.86 0.54 -16.36
N LYS A 19 6.56 0.35 -15.08
CA LYS A 19 7.19 -0.72 -14.31
C LYS A 19 6.96 -2.11 -14.92
N SER A 20 5.69 -2.46 -15.11
CA SER A 20 5.32 -3.77 -15.68
C SER A 20 5.88 -4.01 -17.08
N THR A 21 5.71 -3.01 -17.94
CA THR A 21 6.19 -3.11 -19.29
C THR A 21 7.70 -3.38 -19.31
N LEU A 22 8.45 -2.69 -18.45
CA LEU A 22 9.90 -2.88 -18.40
C LEU A 22 10.28 -4.26 -17.88
N ALA A 23 9.57 -4.76 -16.87
CA ALA A 23 9.89 -6.08 -16.32
C ALA A 23 9.64 -7.12 -17.41
N ASP A 24 8.66 -6.87 -18.28
CA ASP A 24 8.39 -7.82 -19.35
C ASP A 24 9.55 -7.86 -20.34
N ARG A 25 10.07 -6.69 -20.70
CA ARG A 25 11.20 -6.61 -21.63
C ARG A 25 12.39 -7.35 -21.06
N LEU A 26 12.67 -7.14 -19.78
CA LEU A 26 13.80 -7.79 -19.12
C LEU A 26 13.70 -9.31 -19.13
N LEU A 27 12.53 -9.83 -18.76
CA LEU A 27 12.32 -11.27 -18.75
C LEU A 27 12.44 -11.79 -20.18
N GLU A 28 11.73 -11.15 -21.11
CA GLU A 28 11.77 -11.51 -22.52
C GLU A 28 13.23 -11.56 -23.00
N TYR A 29 13.93 -10.46 -22.80
CA TYR A 29 15.33 -10.33 -23.23
C TYR A 29 16.24 -11.42 -22.69
N THR A 30 16.18 -11.67 -21.39
CA THR A 30 17.02 -12.68 -20.76
C THR A 30 16.60 -14.10 -21.09
N GLY A 31 15.39 -14.26 -21.62
CA GLY A 31 14.92 -15.58 -21.98
C GLY A 31 13.93 -16.14 -20.98
N ALA A 32 13.73 -15.44 -19.88
CA ALA A 32 12.80 -15.87 -18.84
C ALA A 32 11.37 -15.90 -19.32
N ILE A 33 11.05 -16.87 -20.18
CA ILE A 33 9.71 -17.02 -20.74
C ILE A 33 9.24 -18.47 -20.65
N GLY A 53 -5.00 -20.67 -12.92
CA GLY A 53 -4.99 -22.04 -12.43
C GLY A 53 -3.67 -22.38 -11.76
N ILE A 54 -3.63 -22.22 -10.44
CA ILE A 54 -2.43 -22.48 -9.65
C ILE A 54 -1.31 -21.57 -10.20
N THR A 55 -1.76 -20.47 -10.81
CA THR A 55 -0.87 -19.46 -11.39
C THR A 55 -0.50 -18.49 -10.28
N VAL A 56 0.80 -18.28 -10.09
CA VAL A 56 1.28 -17.39 -9.03
C VAL A 56 1.70 -16.03 -9.55
N LYS A 57 1.41 -15.00 -8.76
CA LYS A 57 1.77 -13.63 -9.12
C LYS A 57 3.27 -13.58 -9.39
N MET A 58 3.70 -12.65 -10.24
CA MET A 58 5.11 -12.53 -10.55
C MET A 58 5.87 -12.06 -9.31
N GLN A 59 6.92 -12.79 -8.95
CA GLN A 59 7.72 -12.44 -7.78
C GLN A 59 8.94 -13.36 -7.71
N ALA A 60 10.01 -12.88 -7.09
CA ALA A 60 11.24 -13.65 -6.94
C ALA A 60 11.57 -14.36 -8.26
N VAL A 61 11.64 -13.57 -9.32
CA VAL A 61 11.95 -14.08 -10.65
C VAL A 61 13.46 -14.11 -10.89
N ARG A 62 13.98 -15.30 -11.15
CA ARG A 62 15.40 -15.50 -11.42
C ARG A 62 15.66 -15.51 -12.92
N MET A 63 16.69 -14.78 -13.35
CA MET A 63 17.06 -14.71 -14.76
C MET A 63 18.56 -14.89 -14.91
N PHE A 64 18.98 -15.37 -16.08
CA PHE A 64 20.39 -15.54 -16.38
C PHE A 64 20.73 -14.58 -17.51
N TYR A 65 21.80 -13.82 -17.34
CA TYR A 65 22.19 -12.85 -18.36
C TYR A 65 23.68 -12.89 -18.67
N LYS A 66 24.00 -13.15 -19.94
CA LYS A 66 25.38 -13.18 -20.38
C LYS A 66 25.75 -11.73 -20.69
N ALA A 67 26.60 -11.14 -19.87
CA ALA A 67 27.00 -9.74 -20.07
C ALA A 67 28.02 -9.59 -21.20
N LYS A 68 28.40 -8.36 -21.48
CA LYS A 68 29.38 -8.08 -22.54
C LYS A 68 30.74 -8.59 -22.11
N ASP A 69 31.00 -8.57 -20.81
CA ASP A 69 32.29 -9.03 -20.29
C ASP A 69 32.44 -10.55 -20.43
N GLY A 70 31.48 -11.19 -21.07
CA GLY A 70 31.53 -12.62 -21.27
C GLY A 70 30.93 -13.48 -20.18
N ASN A 71 30.82 -12.94 -18.97
CA ASN A 71 30.27 -13.71 -17.86
C ASN A 71 28.74 -13.77 -17.83
N THR A 72 28.23 -14.85 -17.25
CA THR A 72 26.79 -15.06 -17.11
C THR A 72 26.43 -14.75 -15.67
N TYR A 73 25.44 -13.87 -15.50
CA TYR A 73 25.02 -13.47 -14.18
C TYR A 73 23.62 -13.94 -13.84
N LYS A 74 23.39 -14.21 -12.55
CA LYS A 74 22.08 -14.63 -12.08
C LYS A 74 21.41 -13.40 -11.49
N LEU A 75 20.36 -12.93 -12.17
CA LEU A 75 19.64 -11.75 -11.74
C LEU A 75 18.30 -12.11 -11.13
N HIS A 76 17.97 -11.47 -10.02
CA HIS A 76 16.70 -11.72 -9.36
C HIS A 76 15.89 -10.43 -9.37
N LEU A 77 14.73 -10.48 -10.01
CA LEU A 77 13.85 -9.34 -10.05
C LEU A 77 12.85 -9.49 -8.92
N ILE A 78 12.84 -8.51 -8.03
CA ILE A 78 11.91 -8.52 -6.91
C ILE A 78 10.82 -7.52 -7.24
N ASP A 79 9.58 -7.98 -7.26
CA ASP A 79 8.45 -7.12 -7.56
C ASP A 79 8.10 -6.26 -6.35
N THR A 80 7.70 -5.02 -6.59
CA THR A 80 7.37 -4.10 -5.50
C THR A 80 5.99 -3.47 -5.60
N PRO A 81 5.33 -3.28 -4.46
CA PRO A 81 3.99 -2.67 -4.46
C PRO A 81 4.20 -1.23 -4.95
N GLY A 82 3.14 -0.57 -5.40
CA GLY A 82 3.27 0.78 -5.88
C GLY A 82 2.44 1.84 -5.15
N HIS A 83 1.52 1.42 -4.29
CA HIS A 83 0.67 2.36 -3.56
C HIS A 83 1.14 2.60 -2.12
N VAL A 84 0.96 3.83 -1.64
CA VAL A 84 1.37 4.19 -0.29
C VAL A 84 0.78 3.25 0.77
N ASP A 85 -0.33 2.60 0.44
CA ASP A 85 -0.96 1.67 1.37
C ASP A 85 -0.01 0.52 1.74
N PHE A 86 0.84 0.13 0.80
CA PHE A 86 1.76 -0.99 0.99
C PHE A 86 3.20 -0.55 1.21
N SER A 87 3.34 0.61 1.81
CA SER A 87 4.63 1.21 2.10
C SER A 87 5.57 0.28 2.87
N TYR A 88 5.07 -0.35 3.94
CA TYR A 88 5.90 -1.27 4.72
C TYR A 88 6.40 -2.40 3.86
N GLU A 89 5.48 -2.99 3.09
CA GLU A 89 5.80 -4.08 2.19
C GLU A 89 6.82 -3.62 1.16
N VAL A 90 6.69 -2.37 0.72
CA VAL A 90 7.63 -1.82 -0.25
C VAL A 90 9.02 -1.75 0.34
N SER A 91 9.13 -1.30 1.58
CA SER A 91 10.43 -1.16 2.22
C SER A 91 11.09 -2.52 2.47
N ARG A 92 10.28 -3.55 2.74
CA ARG A 92 10.84 -4.87 2.97
C ARG A 92 11.41 -5.45 1.68
N ALA A 93 10.75 -5.18 0.55
CA ALA A 93 11.25 -5.67 -0.73
C ALA A 93 12.58 -4.96 -1.06
N LEU A 94 12.64 -3.66 -0.78
CA LEU A 94 13.87 -2.90 -1.04
C LEU A 94 15.01 -3.46 -0.17
N ALA A 95 14.70 -3.84 1.06
CA ALA A 95 15.71 -4.40 1.95
C ALA A 95 16.25 -5.72 1.39
N ALA A 96 15.51 -6.35 0.49
CA ALA A 96 15.93 -7.62 -0.11
C ALA A 96 16.84 -7.44 -1.31
N CYS A 97 16.97 -6.20 -1.79
CA CYS A 97 17.81 -5.89 -2.96
C CYS A 97 19.11 -5.16 -2.66
N GLU A 98 19.98 -5.09 -3.67
CA GLU A 98 21.24 -4.37 -3.55
C GLU A 98 21.09 -3.11 -4.37
N GLY A 99 20.18 -3.16 -5.35
CA GLY A 99 19.94 -2.02 -6.20
C GLY A 99 18.51 -1.85 -6.66
N ALA A 100 18.24 -0.71 -7.27
CA ALA A 100 16.91 -0.41 -7.75
C ALA A 100 16.94 0.40 -9.03
N LEU A 101 16.06 0.03 -9.96
CA LEU A 101 15.92 0.75 -11.21
C LEU A 101 14.84 1.81 -10.92
N LEU A 102 15.23 3.09 -10.95
CA LEU A 102 14.25 4.14 -10.72
C LEU A 102 13.72 4.60 -12.06
N LEU A 103 12.54 4.09 -12.41
CA LEU A 103 11.88 4.38 -13.67
C LEU A 103 11.06 5.66 -13.67
N ILE A 104 11.39 6.58 -14.57
CA ILE A 104 10.67 7.85 -14.66
C ILE A 104 10.11 8.08 -16.07
N ASP A 105 8.85 8.46 -16.13
CA ASP A 105 8.18 8.73 -17.41
C ASP A 105 8.76 10.05 -17.95
N ALA A 106 9.33 10.00 -19.14
CA ALA A 106 9.92 11.19 -19.74
C ALA A 106 8.89 12.28 -20.06
N SER A 107 7.64 11.89 -20.23
CA SER A 107 6.59 12.84 -20.55
C SER A 107 5.88 13.39 -19.32
N GLN A 108 6.24 12.85 -18.16
CA GLN A 108 5.63 13.26 -16.90
C GLN A 108 6.66 13.87 -15.95
N GLY A 109 7.87 13.32 -15.96
CA GLY A 109 8.89 13.79 -15.06
C GLY A 109 8.67 13.15 -13.70
N ILE A 110 9.39 13.60 -12.69
CA ILE A 110 9.25 13.05 -11.35
C ILE A 110 7.88 13.36 -10.73
N GLU A 111 7.27 12.34 -10.13
CA GLU A 111 5.98 12.52 -9.48
C GLU A 111 6.08 12.08 -8.01
N ALA A 112 5.00 12.28 -7.26
CA ALA A 112 4.95 11.93 -5.84
C ALA A 112 5.59 10.61 -5.43
N GLN A 113 5.16 9.50 -6.03
CA GLN A 113 5.71 8.20 -5.66
C GLN A 113 7.16 8.04 -6.10
N THR A 114 7.55 8.78 -7.14
CA THR A 114 8.93 8.71 -7.62
C THR A 114 9.87 9.15 -6.50
N VAL A 115 9.52 10.27 -5.86
CA VAL A 115 10.30 10.84 -4.77
C VAL A 115 10.24 9.98 -3.50
N ALA A 116 9.02 9.58 -3.12
CA ALA A 116 8.85 8.76 -1.93
C ALA A 116 9.64 7.46 -2.03
N ASN A 117 9.53 6.79 -3.17
CA ASN A 117 10.25 5.53 -3.35
C ASN A 117 11.75 5.75 -3.40
N PHE A 118 12.17 6.81 -4.07
CA PHE A 118 13.58 7.13 -4.15
C PHE A 118 14.19 7.16 -2.75
N TRP A 119 13.53 7.88 -1.84
CA TRP A 119 14.02 8.00 -0.47
C TRP A 119 13.99 6.71 0.32
N LYS A 120 13.04 5.82 0.03
CA LYS A 120 12.98 4.55 0.74
C LYS A 120 14.16 3.71 0.24
N ALA A 121 14.45 3.84 -1.06
CA ALA A 121 15.56 3.10 -1.65
C ALA A 121 16.85 3.61 -0.99
N VAL A 122 16.99 4.93 -0.90
CA VAL A 122 18.15 5.54 -0.27
C VAL A 122 18.31 5.01 1.15
N GLU A 123 17.21 4.96 1.89
CA GLU A 123 17.19 4.48 3.27
C GLU A 123 17.67 3.03 3.43
N GLN A 124 17.61 2.25 2.36
CA GLN A 124 18.05 0.86 2.40
C GLN A 124 19.39 0.73 1.68
N ASP A 125 20.09 1.84 1.57
CA ASP A 125 21.41 1.89 0.92
C ASP A 125 21.45 1.18 -0.44
N LEU A 126 20.43 1.38 -1.25
CA LEU A 126 20.41 0.73 -2.56
C LEU A 126 21.09 1.56 -3.64
N VAL A 127 21.76 0.89 -4.58
CA VAL A 127 22.37 1.60 -5.69
C VAL A 127 21.18 1.90 -6.57
N ILE A 128 21.00 3.16 -6.93
CA ILE A 128 19.87 3.59 -7.73
C ILE A 128 20.24 3.90 -9.17
N ILE A 129 19.56 3.23 -10.10
CA ILE A 129 19.82 3.44 -11.50
C ILE A 129 18.60 4.12 -12.10
N PRO A 130 18.71 5.43 -12.37
CA PRO A 130 17.55 6.13 -12.95
C PRO A 130 17.39 5.74 -14.40
N VAL A 131 16.17 5.38 -14.78
CA VAL A 131 15.87 4.98 -16.13
C VAL A 131 14.72 5.86 -16.63
N ILE A 132 14.98 6.62 -17.69
CA ILE A 132 13.95 7.48 -18.26
C ILE A 132 13.21 6.71 -19.33
N ASN A 133 11.95 6.40 -19.05
CA ASN A 133 11.11 5.62 -19.95
C ASN A 133 10.23 6.46 -20.88
N LYS A 134 9.63 5.81 -21.87
CA LYS A 134 8.74 6.47 -22.83
C LYS A 134 9.40 7.56 -23.65
N ILE A 135 10.67 7.37 -24.01
CA ILE A 135 11.39 8.36 -24.80
C ILE A 135 10.82 8.43 -26.21
N ASP A 136 9.99 7.45 -26.56
CA ASP A 136 9.37 7.39 -27.87
C ASP A 136 8.22 8.39 -28.01
N LEU A 137 7.57 8.72 -26.89
CA LEU A 137 6.45 9.67 -26.91
C LEU A 137 6.83 11.06 -27.40
N PRO A 138 5.95 11.69 -28.21
CA PRO A 138 6.18 13.03 -28.75
C PRO A 138 6.31 14.04 -27.62
N SER A 139 5.68 13.74 -26.49
CA SER A 139 5.71 14.63 -25.34
C SER A 139 6.89 14.37 -24.40
N ALA A 140 7.72 13.40 -24.75
CA ALA A 140 8.88 13.06 -23.94
C ALA A 140 9.84 14.24 -23.85
N ASP A 141 10.36 14.48 -22.65
CA ASP A 141 11.29 15.59 -22.41
C ASP A 141 12.43 15.11 -21.51
N VAL A 142 13.41 14.45 -22.11
CA VAL A 142 14.56 13.91 -21.40
C VAL A 142 15.43 14.94 -20.67
N ASP A 143 15.80 16.01 -21.35
CA ASP A 143 16.65 17.02 -20.72
C ASP A 143 15.98 17.56 -19.46
N ARG A 144 14.67 17.73 -19.52
CA ARG A 144 13.93 18.21 -18.37
C ARG A 144 14.08 17.20 -17.23
N VAL A 145 13.65 15.98 -17.48
CA VAL A 145 13.73 14.91 -16.49
C VAL A 145 15.15 14.75 -15.94
N LYS A 146 16.15 14.85 -16.81
CA LYS A 146 17.54 14.74 -16.37
C LYS A 146 17.79 15.88 -15.40
N LYS A 147 17.21 17.02 -15.71
CA LYS A 147 17.37 18.21 -14.88
C LYS A 147 16.77 17.95 -13.51
N GLN A 148 15.58 17.35 -13.48
CA GLN A 148 14.93 17.05 -12.21
C GLN A 148 15.77 16.06 -11.41
N ILE A 149 16.25 15.01 -12.09
CA ILE A 149 17.08 14.00 -11.42
C ILE A 149 18.25 14.64 -10.68
N GLU A 150 18.97 15.52 -11.35
CA GLU A 150 20.12 16.18 -10.74
C GLU A 150 19.75 17.10 -9.59
N GLU A 151 18.78 17.98 -9.82
CA GLU A 151 18.38 18.97 -8.83
C GLU A 151 17.50 18.47 -7.68
N VAL A 152 16.62 17.52 -7.96
CA VAL A 152 15.73 17.01 -6.93
C VAL A 152 16.26 15.75 -6.25
N LEU A 153 16.77 14.80 -7.03
CA LEU A 153 17.28 13.55 -6.50
C LEU A 153 18.76 13.61 -6.13
N GLY A 154 19.49 14.50 -6.80
CA GLY A 154 20.91 14.64 -6.51
C GLY A 154 21.75 13.61 -7.24
N LEU A 155 21.17 12.93 -8.22
CA LEU A 155 21.90 11.92 -8.98
C LEU A 155 22.59 12.53 -10.20
N ASP A 156 23.55 11.80 -10.76
CA ASP A 156 24.29 12.24 -11.94
C ASP A 156 23.42 12.03 -13.18
N PRO A 157 22.96 13.12 -13.79
CA PRO A 157 22.10 13.06 -14.98
C PRO A 157 22.62 12.10 -16.05
N GLU A 158 23.94 11.99 -16.13
CA GLU A 158 24.57 11.12 -17.12
C GLU A 158 24.49 9.64 -16.77
N GLU A 159 24.13 9.33 -15.52
CA GLU A 159 24.02 7.94 -15.10
C GLU A 159 22.66 7.41 -15.57
N ALA A 160 21.75 8.33 -15.88
CA ALA A 160 20.41 7.98 -16.33
C ALA A 160 20.45 7.19 -17.63
N ILE A 161 19.61 6.15 -17.72
CA ILE A 161 19.54 5.33 -18.92
C ILE A 161 18.27 5.69 -19.69
N LEU A 162 18.45 5.99 -20.98
CA LEU A 162 17.31 6.37 -21.82
C LEU A 162 16.71 5.10 -22.37
N ALA A 163 15.40 4.98 -22.29
CA ALA A 163 14.78 3.77 -22.78
C ALA A 163 13.32 3.87 -23.15
N SER A 164 12.85 2.85 -23.86
CA SER A 164 11.47 2.76 -24.28
C SER A 164 11.05 1.31 -24.07
N ALA A 165 10.39 1.05 -22.94
CA ALA A 165 9.94 -0.30 -22.63
C ALA A 165 8.88 -0.77 -23.64
N LYS A 166 8.23 0.18 -24.29
CA LYS A 166 7.20 -0.15 -25.27
C LYS A 166 7.80 -0.68 -26.57
N GLU A 167 9.01 -0.25 -26.88
CA GLU A 167 9.68 -0.65 -28.10
C GLU A 167 11.00 -1.40 -27.86
N GLY A 168 11.21 -1.85 -26.63
CA GLY A 168 12.42 -2.58 -26.29
C GLY A 168 13.70 -1.84 -26.58
N ILE A 169 13.69 -0.52 -26.39
CA ILE A 169 14.87 0.28 -26.63
C ILE A 169 15.61 0.55 -25.31
N GLY A 170 16.88 0.16 -25.26
CA GLY A 170 17.67 0.38 -24.06
C GLY A 170 17.65 -0.76 -23.04
N ILE A 171 16.97 -1.85 -23.38
CA ILE A 171 16.88 -2.99 -22.47
C ILE A 171 18.25 -3.54 -22.11
N GLU A 172 19.05 -3.84 -23.12
CA GLU A 172 20.39 -4.39 -22.90
C GLU A 172 21.22 -3.43 -22.06
N GLU A 173 21.06 -2.13 -22.33
CA GLU A 173 21.83 -1.13 -21.57
C GLU A 173 21.45 -1.23 -20.09
N ILE A 174 20.18 -1.51 -19.82
CA ILE A 174 19.72 -1.64 -18.45
C ILE A 174 20.35 -2.87 -17.79
N LEU A 175 20.36 -3.99 -18.51
CA LEU A 175 20.94 -5.22 -17.98
C LEU A 175 22.42 -5.03 -17.69
N GLU A 176 23.11 -4.25 -18.52
CA GLU A 176 24.54 -3.99 -18.32
C GLU A 176 24.78 -3.10 -17.11
N ALA A 177 23.87 -2.16 -16.88
CA ALA A 177 23.97 -1.25 -15.75
C ALA A 177 23.77 -2.04 -14.45
N ILE A 178 22.84 -2.99 -14.50
CA ILE A 178 22.56 -3.85 -13.36
C ILE A 178 23.79 -4.67 -12.97
N VAL A 179 24.42 -5.25 -13.98
CA VAL A 179 25.61 -6.07 -13.77
C VAL A 179 26.78 -5.21 -13.29
N ASN A 180 27.00 -4.09 -13.98
CA ASN A 180 28.11 -3.21 -13.68
C ASN A 180 27.99 -2.24 -12.50
N ARG A 181 26.79 -1.74 -12.23
CA ARG A 181 26.62 -0.78 -11.13
C ARG A 181 26.10 -1.35 -9.81
N ILE A 182 25.29 -2.40 -9.87
CA ILE A 182 24.77 -2.99 -8.64
C ILE A 182 25.75 -4.01 -8.12
N PRO A 183 26.15 -3.87 -6.84
CA PRO A 183 27.11 -4.81 -6.24
C PRO A 183 26.46 -6.16 -5.98
N PRO A 184 27.26 -7.24 -5.92
CA PRO A 184 26.69 -8.57 -5.67
C PRO A 184 26.31 -8.74 -4.21
N PRO A 185 25.43 -9.71 -3.92
CA PRO A 185 25.03 -9.92 -2.53
C PRO A 185 26.22 -10.31 -1.69
N LYS A 186 26.22 -9.90 -0.44
CA LYS A 186 27.32 -10.22 0.46
C LYS A 186 26.77 -10.92 1.69
N GLY A 187 27.06 -12.21 1.77
CA GLY A 187 26.61 -13.01 2.89
C GLY A 187 27.44 -14.27 2.90
N ASP A 188 27.31 -15.06 3.95
CA ASP A 188 28.09 -16.28 4.08
C ASP A 188 27.20 -17.52 4.10
N PRO A 189 27.30 -18.37 3.06
CA PRO A 189 26.48 -19.58 3.00
C PRO A 189 26.83 -20.56 4.12
N GLN A 190 27.98 -20.38 4.75
CA GLN A 190 28.38 -21.28 5.82
C GLN A 190 27.83 -20.83 7.17
N LYS A 191 27.39 -19.59 7.24
CA LYS A 191 26.82 -19.07 8.48
C LYS A 191 25.41 -19.58 8.68
N PRO A 192 24.85 -19.40 9.89
CA PRO A 192 23.49 -19.85 10.17
C PRO A 192 22.51 -19.19 9.18
N LEU A 193 21.46 -19.92 8.79
CA LEU A 193 20.47 -19.41 7.86
C LEU A 193 19.89 -18.09 8.38
N LYS A 194 19.67 -17.15 7.47
CA LYS A 194 19.09 -15.87 7.81
C LYS A 194 18.45 -15.37 6.53
N ALA A 195 17.14 -15.55 6.43
CA ALA A 195 16.38 -15.18 5.24
C ALA A 195 15.28 -14.18 5.54
N LEU A 196 15.22 -13.11 4.75
CA LEU A 196 14.21 -12.09 4.94
C LEU A 196 12.95 -12.42 4.13
N ILE A 197 11.79 -12.36 4.78
CA ILE A 197 10.54 -12.60 4.07
C ILE A 197 10.08 -11.24 3.55
N PHE A 198 9.98 -11.09 2.23
CA PHE A 198 9.54 -9.82 1.66
C PHE A 198 8.18 -9.90 0.97
N ASP A 199 7.67 -11.11 0.75
CA ASP A 199 6.35 -11.26 0.14
C ASP A 199 5.82 -12.66 0.44
N SER A 200 4.57 -12.93 0.08
CA SER A 200 3.99 -14.25 0.34
C SER A 200 2.65 -14.42 -0.36
N TYR A 201 2.14 -15.65 -0.36
CA TYR A 201 0.84 -15.92 -0.98
C TYR A 201 0.42 -17.31 -0.52
N TYR A 202 -0.87 -17.60 -0.63
CA TYR A 202 -1.35 -18.91 -0.23
C TYR A 202 -1.44 -19.84 -1.44
N ASP A 203 -0.76 -20.98 -1.34
CA ASP A 203 -0.74 -21.97 -2.40
C ASP A 203 -1.58 -23.14 -1.91
N PRO A 204 -2.67 -23.45 -2.62
CA PRO A 204 -3.57 -24.54 -2.24
C PRO A 204 -2.88 -25.88 -1.99
N TYR A 205 -1.73 -26.10 -2.63
CA TYR A 205 -1.01 -27.35 -2.48
C TYR A 205 0.26 -27.24 -1.63
N ARG A 206 1.00 -26.16 -1.80
CA ARG A 206 2.22 -25.96 -1.03
C ARG A 206 1.93 -25.27 0.30
N GLY A 207 0.74 -24.71 0.42
CA GLY A 207 0.37 -24.01 1.64
C GLY A 207 0.86 -22.57 1.58
N ALA A 208 1.03 -21.95 2.73
CA ALA A 208 1.49 -20.57 2.78
C ALA A 208 2.94 -20.53 2.34
N VAL A 209 3.25 -19.87 1.23
CA VAL A 209 4.65 -19.82 0.81
C VAL A 209 5.20 -18.41 0.93
N ALA A 210 6.44 -18.34 1.40
CA ALA A 210 7.11 -17.08 1.62
C ALA A 210 8.18 -16.83 0.57
N PHE A 211 8.19 -15.62 0.02
CA PHE A 211 9.20 -15.26 -0.95
C PHE A 211 10.29 -14.62 -0.10
N VAL A 212 11.51 -15.15 -0.23
CA VAL A 212 12.59 -14.69 0.59
C VAL A 212 13.90 -14.34 -0.10
N ARG A 213 14.69 -13.53 0.61
CA ARG A 213 16.01 -13.15 0.17
C ARG A 213 16.89 -13.81 1.21
N ILE A 214 17.79 -14.67 0.75
CA ILE A 214 18.72 -15.37 1.64
C ILE A 214 19.96 -14.49 1.86
N PHE A 215 20.21 -14.10 3.10
CA PHE A 215 21.39 -13.27 3.41
C PHE A 215 22.57 -14.18 3.78
N ASP A 216 22.37 -15.04 4.79
CA ASP A 216 23.38 -15.99 5.26
C ASP A 216 22.88 -17.42 5.13
N GLY A 217 23.83 -18.35 5.11
CA GLY A 217 23.53 -19.78 5.05
C GLY A 217 22.83 -20.33 3.83
N GLU A 218 22.18 -21.47 4.05
CA GLU A 218 21.45 -22.16 2.98
C GLU A 218 20.26 -22.85 3.60
N VAL A 219 19.27 -23.12 2.76
CA VAL A 219 18.07 -23.80 3.20
C VAL A 219 17.70 -24.80 2.12
N LYS A 220 17.20 -25.96 2.53
CA LYS A 220 16.83 -27.00 1.59
C LYS A 220 15.70 -27.86 2.16
N PRO A 221 14.96 -28.55 1.28
CA PRO A 221 13.85 -29.41 1.74
C PRO A 221 14.31 -30.33 2.86
N GLY A 222 13.45 -30.52 3.85
CA GLY A 222 13.82 -31.38 4.95
C GLY A 222 14.39 -30.56 6.10
N ASP A 223 14.85 -29.35 5.79
CA ASP A 223 15.41 -28.48 6.83
C ASP A 223 14.33 -28.09 7.84
N LYS A 224 14.74 -27.94 9.09
CA LYS A 224 13.86 -27.54 10.17
C LYS A 224 14.07 -26.05 10.40
N ILE A 225 13.14 -25.23 9.90
CA ILE A 225 13.23 -23.77 10.03
C ILE A 225 12.44 -23.17 11.19
N MET A 226 12.76 -21.92 11.51
CA MET A 226 12.11 -21.21 12.59
C MET A 226 11.88 -19.73 12.22
N LEU A 227 10.70 -19.22 12.57
CA LEU A 227 10.34 -17.83 12.31
C LEU A 227 10.71 -17.06 13.56
N MET A 228 11.61 -16.11 13.42
CA MET A 228 12.12 -15.36 14.56
C MET A 228 11.14 -14.48 15.35
N SER A 229 10.11 -13.92 14.69
CA SER A 229 9.17 -13.09 15.44
C SER A 229 8.26 -13.95 16.34
N THR A 230 8.09 -15.23 15.98
CA THR A 230 7.21 -16.12 16.73
C THR A 230 7.87 -17.31 17.44
N GLY A 231 8.98 -17.80 16.88
CA GLY A 231 9.63 -18.95 17.47
C GLY A 231 8.90 -20.23 17.07
N LYS A 232 8.10 -20.13 16.01
CA LYS A 232 7.33 -21.26 15.49
C LYS A 232 8.24 -22.01 14.53
N GLU A 233 8.19 -23.35 14.55
CA GLU A 233 9.06 -24.16 13.69
C GLU A 233 8.34 -24.97 12.62
N TYR A 234 9.02 -25.19 11.50
CA TYR A 234 8.46 -25.93 10.37
C TYR A 234 9.51 -26.77 9.65
N GLU A 235 9.04 -27.74 8.87
CA GLU A 235 9.95 -28.57 8.09
C GLU A 235 9.77 -28.17 6.62
N VAL A 236 10.84 -27.65 6.03
CA VAL A 236 10.79 -27.22 4.64
C VAL A 236 10.45 -28.39 3.73
N THR A 237 9.50 -28.16 2.83
CA THR A 237 9.08 -29.19 1.91
C THR A 237 9.56 -28.88 0.50
N GLU A 238 9.85 -27.61 0.26
CA GLU A 238 10.23 -27.22 -1.07
C GLU A 238 10.81 -25.80 -1.13
N VAL A 239 11.75 -25.59 -2.03
CA VAL A 239 12.37 -24.29 -2.23
C VAL A 239 12.63 -24.11 -3.73
N GLY A 240 12.71 -22.85 -4.16
CA GLY A 240 12.95 -22.57 -5.55
C GLY A 240 12.71 -21.12 -5.89
N ALA A 241 12.41 -20.85 -7.15
CA ALA A 241 12.13 -19.47 -7.58
C ALA A 241 11.31 -19.53 -8.86
N GLN A 242 10.81 -18.37 -9.30
CA GLN A 242 10.03 -18.31 -10.52
C GLN A 242 11.03 -18.17 -11.67
N THR A 243 10.84 -18.92 -12.74
CA THR A 243 11.79 -18.88 -13.84
C THR A 243 11.25 -18.75 -15.26
N PRO A 244 10.11 -18.06 -15.45
CA PRO A 244 9.21 -17.35 -14.53
C PRO A 244 8.19 -18.24 -13.81
N LYS A 245 8.14 -19.51 -14.16
CA LYS A 245 7.20 -20.41 -13.51
C LYS A 245 7.84 -20.91 -12.22
N MET A 246 7.00 -21.22 -11.23
CA MET A 246 7.48 -21.73 -9.95
C MET A 246 8.32 -22.96 -10.20
N THR A 247 9.62 -22.85 -10.03
CA THR A 247 10.53 -23.97 -10.26
C THR A 247 11.21 -24.41 -8.98
N LYS A 248 11.12 -25.70 -8.66
CA LYS A 248 11.75 -26.22 -7.45
C LYS A 248 13.26 -26.36 -7.62
N PHE A 249 14.01 -25.95 -6.62
CA PHE A 249 15.47 -26.08 -6.66
C PHE A 249 15.86 -27.05 -5.56
N ASP A 250 17.14 -27.40 -5.50
CA ASP A 250 17.59 -28.32 -4.45
C ASP A 250 17.91 -27.51 -3.21
N LYS A 251 18.09 -26.20 -3.39
CA LYS A 251 18.38 -25.30 -2.29
C LYS A 251 18.43 -23.84 -2.70
N LEU A 252 18.60 -22.98 -1.71
CA LEU A 252 18.74 -21.55 -1.92
C LEU A 252 19.90 -21.20 -1.00
N SER A 253 20.90 -20.50 -1.53
CA SER A 253 22.08 -20.16 -0.74
C SER A 253 22.25 -18.66 -0.60
N ALA A 254 23.06 -18.27 0.37
CA ALA A 254 23.35 -16.88 0.62
C ALA A 254 23.40 -16.09 -0.68
N GLY A 255 22.59 -15.04 -0.75
CA GLY A 255 22.56 -14.22 -1.96
C GLY A 255 21.39 -14.50 -2.88
N ASP A 256 20.80 -15.69 -2.78
CA ASP A 256 19.67 -16.06 -3.64
C ASP A 256 18.34 -15.44 -3.20
N VAL A 257 17.41 -15.41 -4.16
CA VAL A 257 16.05 -14.94 -3.93
C VAL A 257 15.15 -16.07 -4.43
N GLY A 258 14.15 -16.44 -3.63
CA GLY A 258 13.26 -17.49 -4.05
C GLY A 258 12.06 -17.64 -3.14
N TYR A 259 11.60 -18.89 -2.97
CA TYR A 259 10.45 -19.16 -2.12
C TYR A 259 10.69 -20.39 -1.26
N ILE A 260 9.92 -20.49 -0.19
CA ILE A 260 10.03 -21.61 0.73
C ILE A 260 8.63 -22.08 1.09
N ALA A 261 8.42 -23.38 1.06
CA ALA A 261 7.15 -23.97 1.45
C ALA A 261 7.55 -24.88 2.59
N ALA A 262 6.69 -24.99 3.61
CA ALA A 262 7.02 -25.83 4.76
C ALA A 262 5.76 -26.24 5.52
N SER A 263 4.72 -26.58 4.78
CA SER A 263 3.45 -27.00 5.38
C SER A 263 2.94 -25.92 6.33
N ILE A 264 3.04 -24.66 5.90
CA ILE A 264 2.59 -23.53 6.71
C ILE A 264 1.10 -23.29 6.54
N LYS A 265 0.37 -23.27 7.66
CA LYS A 265 -1.07 -23.09 7.65
C LYS A 265 -1.55 -21.85 6.90
N ASP A 266 -1.09 -20.67 7.31
CA ASP A 266 -1.53 -19.47 6.62
C ASP A 266 -0.49 -18.37 6.56
N VAL A 267 -0.74 -17.40 5.67
CA VAL A 267 0.18 -16.30 5.46
C VAL A 267 0.48 -15.44 6.67
N ARG A 268 -0.33 -15.55 7.73
CA ARG A 268 -0.08 -14.77 8.93
C ARG A 268 1.01 -15.40 9.79
N ASP A 269 1.47 -16.59 9.39
CA ASP A 269 2.54 -17.29 10.10
C ASP A 269 3.89 -16.88 9.52
N ILE A 270 3.88 -16.33 8.31
CA ILE A 270 5.09 -15.92 7.62
C ILE A 270 4.97 -14.46 7.21
N ARG A 271 4.70 -13.63 8.21
CA ARG A 271 4.52 -12.20 7.99
C ARG A 271 5.71 -11.52 7.30
N ILE A 272 5.37 -10.65 6.36
CA ILE A 272 6.36 -9.90 5.60
C ILE A 272 7.28 -9.14 6.54
N GLY A 273 8.58 -9.21 6.27
CA GLY A 273 9.54 -8.52 7.09
C GLY A 273 10.14 -9.39 8.20
N ASP A 274 9.57 -10.59 8.39
CA ASP A 274 10.04 -11.50 9.43
C ASP A 274 11.31 -12.21 8.95
N THR A 275 11.98 -12.93 9.84
CA THR A 275 13.19 -13.62 9.45
C THR A 275 13.09 -15.14 9.62
N ILE A 276 13.56 -15.86 8.62
CA ILE A 276 13.55 -17.30 8.68
C ILE A 276 14.98 -17.75 8.94
N THR A 277 15.16 -18.67 9.89
CA THR A 277 16.47 -19.22 10.24
C THR A 277 16.30 -20.70 10.55
N HIS A 278 17.36 -21.34 10.99
CA HIS A 278 17.31 -22.75 11.34
C HIS A 278 16.93 -22.93 12.80
N ALA A 279 16.04 -23.88 13.05
CA ALA A 279 15.58 -24.17 14.40
C ALA A 279 16.73 -24.64 15.30
N LYS A 280 17.61 -25.47 14.75
CA LYS A 280 18.75 -26.03 15.48
C LYS A 280 19.92 -25.06 15.63
N ASN A 281 20.30 -24.40 14.55
CA ASN A 281 21.42 -23.46 14.59
C ASN A 281 20.96 -22.08 14.12
N PRO A 282 20.15 -21.39 14.95
CA PRO A 282 19.62 -20.07 14.64
C PRO A 282 20.63 -18.94 14.53
N THR A 283 20.40 -18.06 13.55
CA THR A 283 21.25 -16.91 13.32
C THR A 283 21.21 -16.02 14.55
N LYS A 284 22.25 -15.22 14.73
CA LYS A 284 22.40 -14.31 15.88
C LYS A 284 21.22 -13.38 16.11
N GLU A 285 20.87 -12.61 15.09
CA GLU A 285 19.77 -11.66 15.19
C GLU A 285 18.97 -11.73 13.91
N PRO A 286 17.69 -11.31 13.98
CA PRO A 286 16.83 -11.32 12.81
C PRO A 286 17.12 -10.08 11.97
N VAL A 287 16.68 -10.12 10.72
CA VAL A 287 16.86 -8.97 9.85
C VAL A 287 16.03 -7.88 10.53
N PRO A 288 16.61 -6.68 10.69
CA PRO A 288 15.95 -5.54 11.33
C PRO A 288 14.77 -4.96 10.56
N GLY A 289 13.85 -4.32 11.27
CA GLY A 289 12.73 -3.68 10.61
C GLY A 289 11.41 -4.43 10.57
N PHE A 290 11.28 -5.48 11.35
CA PHE A 290 10.02 -6.21 11.33
C PHE A 290 8.89 -5.42 11.97
N GLN A 291 7.72 -5.46 11.33
CA GLN A 291 6.55 -4.76 11.83
C GLN A 291 5.31 -5.54 11.46
N PRO A 292 4.44 -5.82 12.43
CA PRO A 292 3.24 -6.56 12.08
C PRO A 292 2.33 -5.66 11.23
N ALA A 293 1.39 -6.26 10.51
CA ALA A 293 0.47 -5.49 9.67
C ALA A 293 -0.26 -4.46 10.55
N LYS A 294 -0.50 -3.28 10.00
CA LYS A 294 -1.17 -2.25 10.79
C LYS A 294 -2.31 -1.55 10.07
N PRO A 295 -3.55 -2.05 10.24
CA PRO A 295 -4.71 -1.42 9.60
C PRO A 295 -4.82 0.05 10.04
N MET A 296 -5.16 0.93 9.11
CA MET A 296 -5.29 2.36 9.41
C MET A 296 -6.66 2.92 9.07
N VAL A 297 -7.38 2.23 8.19
CA VAL A 297 -8.70 2.69 7.76
C VAL A 297 -9.74 1.58 7.84
N TYR A 298 -10.85 1.87 8.53
CA TYR A 298 -11.91 0.90 8.69
C TYR A 298 -13.21 1.32 8.01
N ALA A 299 -14.07 0.34 7.76
CA ALA A 299 -15.37 0.59 7.16
C ALA A 299 -16.26 -0.61 7.43
N GLY A 300 -17.56 -0.36 7.52
CA GLY A 300 -18.49 -1.44 7.73
C GLY A 300 -18.90 -1.95 6.37
N ILE A 301 -18.94 -3.27 6.20
CA ILE A 301 -19.32 -3.89 4.94
C ILE A 301 -20.50 -4.81 5.22
N TYR A 302 -21.60 -4.58 4.50
CA TYR A 302 -22.83 -5.34 4.69
C TYR A 302 -23.30 -5.96 3.39
N PRO A 303 -24.02 -7.09 3.47
CA PRO A 303 -24.52 -7.72 2.24
C PRO A 303 -25.51 -6.79 1.54
N ALA A 304 -25.49 -6.78 0.22
CA ALA A 304 -26.38 -5.94 -0.57
C ALA A 304 -27.22 -6.81 -1.51
N GLU A 305 -28.37 -6.29 -1.92
CA GLU A 305 -29.28 -7.01 -2.81
C GLU A 305 -29.72 -8.35 -2.22
N ASP A 306 -29.43 -9.43 -2.94
CA ASP A 306 -29.80 -10.75 -2.49
C ASP A 306 -28.71 -11.43 -1.65
N THR A 307 -27.47 -10.95 -1.79
CA THR A 307 -26.35 -11.51 -1.05
C THR A 307 -26.71 -11.59 0.43
N THR A 308 -26.38 -12.71 1.07
CA THR A 308 -26.68 -12.88 2.49
C THR A 308 -25.44 -12.65 3.36
N TYR A 309 -25.66 -12.63 4.67
CA TYR A 309 -24.58 -12.44 5.63
C TYR A 309 -23.64 -13.63 5.51
N GLU A 310 -24.21 -14.83 5.42
CA GLU A 310 -23.42 -16.05 5.31
C GLU A 310 -22.46 -15.98 4.13
N GLU A 311 -23.01 -15.68 2.96
CA GLU A 311 -22.21 -15.59 1.74
C GLU A 311 -21.11 -14.55 1.89
N LEU A 312 -21.45 -13.41 2.52
CA LEU A 312 -20.48 -12.35 2.72
C LEU A 312 -19.37 -12.84 3.66
N ARG A 313 -19.77 -13.48 4.76
CA ARG A 313 -18.80 -13.99 5.71
C ARG A 313 -17.94 -15.06 5.04
N ASP A 314 -18.56 -15.93 4.27
CA ASP A 314 -17.83 -17.00 3.58
C ASP A 314 -16.82 -16.39 2.62
N ALA A 315 -17.24 -15.37 1.89
CA ALA A 315 -16.39 -14.67 0.93
C ALA A 315 -15.19 -14.03 1.64
N LEU A 316 -15.46 -13.43 2.80
CA LEU A 316 -14.39 -12.78 3.57
C LEU A 316 -13.37 -13.79 4.07
N GLU A 317 -13.86 -14.93 4.55
CA GLU A 317 -12.99 -15.97 5.06
C GLU A 317 -12.08 -16.45 3.93
N LYS A 318 -12.67 -16.75 2.78
CA LYS A 318 -11.90 -17.22 1.64
C LYS A 318 -10.93 -16.15 1.17
N TYR A 319 -11.35 -14.90 1.18
CA TYR A 319 -10.47 -13.83 0.74
C TYR A 319 -9.27 -13.65 1.69
N ALA A 320 -9.56 -13.66 3.00
CA ALA A 320 -8.52 -13.47 4.01
C ALA A 320 -7.35 -14.45 3.87
N ILE A 321 -7.63 -15.62 3.34
CA ILE A 321 -6.61 -16.64 3.15
C ILE A 321 -5.42 -16.07 2.38
N ASN A 322 -5.70 -15.22 1.40
CA ASN A 322 -4.68 -14.62 0.55
C ASN A 322 -4.27 -13.19 0.95
N ASP A 323 -4.76 -12.69 2.08
CA ASP A 323 -4.43 -11.32 2.52
C ASP A 323 -4.06 -11.32 3.99
N ALA A 324 -2.78 -11.15 4.29
CA ALA A 324 -2.28 -11.17 5.67
C ALA A 324 -2.56 -9.89 6.49
N ALA A 325 -2.96 -8.81 5.83
CA ALA A 325 -3.20 -7.55 6.52
C ALA A 325 -4.65 -7.29 6.97
N ILE A 326 -5.62 -7.73 6.18
CA ILE A 326 -7.01 -7.49 6.51
C ILE A 326 -7.52 -8.06 7.83
N VAL A 327 -8.39 -7.32 8.50
CA VAL A 327 -8.99 -7.79 9.75
C VAL A 327 -10.46 -7.47 9.65
N TYR A 328 -11.27 -8.17 10.41
CA TYR A 328 -12.70 -7.91 10.37
C TYR A 328 -13.36 -8.61 11.52
N GLU A 329 -14.51 -8.10 11.92
CA GLU A 329 -15.28 -8.69 13.02
C GLU A 329 -16.75 -8.41 12.78
N PRO A 330 -17.62 -9.30 13.26
CA PRO A 330 -19.07 -9.13 13.09
C PRO A 330 -19.51 -7.77 13.63
N GLU A 331 -20.44 -7.16 12.91
CA GLU A 331 -20.97 -5.87 13.31
C GLU A 331 -22.44 -5.86 12.95
N SER A 332 -23.22 -5.12 13.73
CA SER A 332 -24.65 -5.01 13.51
C SER A 332 -25.13 -3.57 13.56
N SER A 333 -26.11 -3.27 12.71
CA SER A 333 -26.70 -1.94 12.65
C SER A 333 -28.20 -2.18 12.52
N PRO A 334 -29.03 -1.28 13.06
CA PRO A 334 -30.48 -1.47 12.98
C PRO A 334 -31.01 -1.58 11.55
N ALA A 335 -30.68 -0.60 10.72
CA ALA A 335 -31.13 -0.58 9.35
C ALA A 335 -30.49 -1.68 8.50
N LEU A 336 -29.17 -1.65 8.41
CA LEU A 336 -28.42 -2.61 7.61
C LEU A 336 -28.50 -4.04 8.11
N GLY A 337 -28.43 -4.22 9.42
CA GLY A 337 -28.47 -5.56 9.98
C GLY A 337 -27.09 -6.10 10.27
N MET A 338 -26.84 -7.36 9.90
CA MET A 338 -25.55 -8.01 10.13
C MET A 338 -24.52 -7.80 9.04
N GLY A 339 -23.35 -7.32 9.45
CA GLY A 339 -22.26 -7.08 8.52
C GLY A 339 -20.93 -7.25 9.22
N PHE A 340 -19.89 -6.60 8.69
CA PHE A 340 -18.56 -6.70 9.27
C PHE A 340 -17.84 -5.36 9.33
N ARG A 341 -17.07 -5.15 10.39
CA ARG A 341 -16.25 -3.94 10.51
C ARG A 341 -14.91 -4.46 10.00
N VAL A 342 -14.47 -3.94 8.86
CA VAL A 342 -13.22 -4.38 8.26
C VAL A 342 -12.14 -3.29 8.31
N GLY A 343 -10.91 -3.71 8.60
CA GLY A 343 -9.80 -2.76 8.67
C GLY A 343 -8.85 -2.97 7.50
N PHE A 344 -8.47 -1.89 6.84
CA PHE A 344 -7.60 -1.95 5.68
C PHE A 344 -6.33 -1.10 5.88
N LEU A 345 -5.33 -1.35 5.02
CA LEU A 345 -4.08 -0.63 5.07
C LEU A 345 -4.28 0.80 4.56
N GLY A 346 -5.35 1.00 3.78
CA GLY A 346 -5.66 2.31 3.23
C GLY A 346 -6.82 2.24 2.25
N LEU A 347 -7.07 3.31 1.51
CA LEU A 347 -8.18 3.34 0.54
C LEU A 347 -8.04 2.38 -0.63
N LEU A 348 -6.84 2.26 -1.18
CA LEU A 348 -6.65 1.34 -2.30
C LEU A 348 -6.85 -0.09 -1.83
N HIS A 349 -6.27 -0.43 -0.69
CA HIS A 349 -6.41 -1.76 -0.11
C HIS A 349 -7.90 -2.07 0.00
N MET A 350 -8.67 -1.10 0.49
CA MET A 350 -10.12 -1.26 0.63
C MET A 350 -10.75 -1.50 -0.75
N GLU A 351 -10.39 -0.67 -1.71
CA GLU A 351 -10.90 -0.78 -3.07
C GLU A 351 -10.59 -2.17 -3.63
N ILE A 352 -9.34 -2.59 -3.49
CA ILE A 352 -8.91 -3.90 -3.97
C ILE A 352 -9.82 -4.99 -3.39
N VAL A 353 -9.98 -4.99 -2.07
CA VAL A 353 -10.83 -5.98 -1.41
C VAL A 353 -12.27 -5.98 -1.92
N GLN A 354 -12.84 -4.80 -2.10
CA GLN A 354 -14.22 -4.70 -2.57
C GLN A 354 -14.38 -5.35 -3.94
N GLU A 355 -13.55 -4.94 -4.88
CA GLU A 355 -13.60 -5.46 -6.23
C GLU A 355 -13.43 -6.97 -6.25
N ARG A 356 -12.55 -7.51 -5.41
CA ARG A 356 -12.33 -8.95 -5.38
C ARG A 356 -13.46 -9.76 -4.73
N LEU A 357 -14.17 -9.16 -3.78
CA LEU A 357 -15.27 -9.87 -3.12
C LEU A 357 -16.42 -9.98 -4.12
N GLU A 358 -16.65 -8.88 -4.83
CA GLU A 358 -17.73 -8.82 -5.81
C GLU A 358 -17.43 -9.56 -7.11
N ARG A 359 -16.19 -9.46 -7.56
CA ARG A 359 -15.77 -10.10 -8.82
C ARG A 359 -15.33 -11.56 -8.68
N GLU A 360 -14.71 -11.91 -7.56
CA GLU A 360 -14.24 -13.28 -7.37
C GLU A 360 -15.19 -14.19 -6.60
N TYR A 361 -15.94 -13.62 -5.66
CA TYR A 361 -16.88 -14.41 -4.89
C TYR A 361 -18.29 -13.98 -5.24
N GLY A 362 -18.38 -13.03 -6.16
CA GLY A 362 -19.66 -12.53 -6.62
C GLY A 362 -20.68 -12.18 -5.55
N VAL A 363 -20.28 -11.42 -4.54
CA VAL A 363 -21.20 -11.01 -3.50
C VAL A 363 -21.48 -9.53 -3.68
N LYS A 364 -22.69 -9.11 -3.33
CA LYS A 364 -23.07 -7.71 -3.44
C LYS A 364 -22.91 -7.13 -2.05
N ILE A 365 -22.20 -6.02 -1.94
CA ILE A 365 -21.96 -5.39 -0.65
C ILE A 365 -22.26 -3.90 -0.61
N ILE A 366 -22.57 -3.43 0.58
CA ILE A 366 -22.80 -2.01 0.80
C ILE A 366 -21.68 -1.65 1.77
N THR A 367 -20.95 -0.60 1.45
CA THR A 367 -19.85 -0.17 2.31
C THR A 367 -20.09 1.23 2.86
N THR A 368 -19.83 1.39 4.16
CA THR A 368 -20.01 2.67 4.83
C THR A 368 -18.87 3.60 4.48
N ALA A 369 -19.00 4.86 4.88
CA ALA A 369 -17.92 5.81 4.64
C ALA A 369 -16.78 5.24 5.49
N PRO A 370 -15.54 5.37 5.04
CA PRO A 370 -14.41 4.83 5.81
C PRO A 370 -14.10 5.73 7.00
N ASN A 371 -13.38 5.22 7.98
CA ASN A 371 -13.00 6.03 9.12
C ASN A 371 -11.63 5.62 9.64
N VAL A 372 -10.96 6.54 10.32
CA VAL A 372 -9.65 6.25 10.89
C VAL A 372 -9.89 5.70 12.28
N ILE A 373 -8.82 5.30 12.96
CA ILE A 373 -8.90 4.79 14.32
C ILE A 373 -8.64 5.95 15.28
N TYR A 374 -9.64 6.27 16.10
CA TYR A 374 -9.47 7.36 17.06
C TYR A 374 -9.08 6.82 18.42
N ARG A 375 -8.32 7.62 19.17
CA ARG A 375 -7.93 7.26 20.52
C ARG A 375 -8.78 8.17 21.38
N VAL A 376 -9.63 7.57 22.22
CA VAL A 376 -10.50 8.35 23.07
C VAL A 376 -10.24 8.13 24.56
N LYS A 377 -10.13 9.21 25.30
CA LYS A 377 -9.93 9.14 26.73
C LYS A 377 -11.23 9.59 27.37
N LYS A 378 -11.88 8.70 28.11
CA LYS A 378 -13.12 9.06 28.78
C LYS A 378 -12.93 9.07 30.28
N LYS A 379 -13.74 9.90 30.95
CA LYS A 379 -13.66 10.02 32.39
C LYS A 379 -14.00 8.67 32.99
N PHE A 380 -13.33 8.31 34.08
CA PHE A 380 -13.59 7.05 34.76
C PHE A 380 -12.96 5.81 34.10
N THR A 381 -12.33 5.99 32.94
CA THR A 381 -11.66 4.86 32.27
C THR A 381 -10.19 5.23 32.16
N ASP A 382 -9.35 4.55 32.92
CA ASP A 382 -7.92 4.83 32.94
C ASP A 382 -7.21 4.74 31.60
N GLU A 383 -7.44 3.66 30.86
CA GLU A 383 -6.79 3.49 29.58
C GLU A 383 -7.59 4.12 28.44
N VAL A 384 -6.87 4.65 27.46
CA VAL A 384 -7.51 5.26 26.32
C VAL A 384 -8.07 4.14 25.45
N ILE A 385 -9.23 4.37 24.87
CA ILE A 385 -9.88 3.38 24.03
C ILE A 385 -9.61 3.66 22.55
N GLU A 386 -9.43 2.60 21.78
CA GLU A 386 -9.20 2.75 20.34
C GLU A 386 -10.53 2.55 19.66
N VAL A 387 -11.02 3.58 18.98
CA VAL A 387 -12.30 3.50 18.30
C VAL A 387 -12.11 3.26 16.81
N ARG A 388 -12.54 2.09 16.35
CA ARG A 388 -12.42 1.74 14.95
C ARG A 388 -13.79 1.75 14.27
N ASN A 389 -14.83 1.96 15.08
CA ASN A 389 -16.19 2.03 14.57
C ASN A 389 -16.89 3.21 15.24
N PRO A 390 -17.23 4.24 14.46
CA PRO A 390 -17.89 5.46 14.97
C PRO A 390 -19.04 5.17 15.92
N MET A 391 -19.75 4.07 15.68
CA MET A 391 -20.87 3.68 16.52
C MET A 391 -20.40 3.49 17.96
N ASP A 392 -19.14 3.08 18.11
CA ASP A 392 -18.59 2.86 19.45
C ASP A 392 -18.00 4.12 20.07
N PHE A 393 -17.98 5.21 19.32
CA PHE A 393 -17.48 6.46 19.85
C PHE A 393 -18.57 6.85 20.86
N PRO A 394 -18.18 7.20 22.11
CA PRO A 394 -19.16 7.59 23.13
C PRO A 394 -20.22 8.57 22.66
N ASP A 395 -21.47 8.30 23.03
CA ASP A 395 -22.59 9.18 22.64
C ASP A 395 -22.61 10.39 23.57
N ASN A 396 -22.13 10.20 24.80
CA ASN A 396 -22.11 11.27 25.78
C ASN A 396 -20.81 12.07 25.67
N ALA A 397 -20.90 13.22 25.00
CA ALA A 397 -19.74 14.10 24.81
C ALA A 397 -19.12 14.57 26.11
N GLY A 398 -19.96 14.80 27.12
CA GLY A 398 -19.44 15.26 28.40
C GLY A 398 -18.52 14.26 29.07
N LEU A 399 -18.62 13.01 28.68
CA LEU A 399 -17.78 11.98 29.28
C LEU A 399 -16.39 11.93 28.66
N ILE A 400 -16.21 12.61 27.53
CA ILE A 400 -14.93 12.61 26.83
C ILE A 400 -13.91 13.63 27.34
N GLU A 401 -12.73 13.15 27.72
CA GLU A 401 -11.69 14.05 28.21
C GLU A 401 -10.89 14.60 27.04
N TYR A 402 -10.66 13.76 26.04
CA TYR A 402 -9.95 14.18 24.84
C TYR A 402 -9.99 13.11 23.77
N VAL A 403 -9.72 13.51 22.54
CA VAL A 403 -9.74 12.60 21.42
C VAL A 403 -8.51 12.88 20.58
N GLU A 404 -7.84 11.83 20.12
CA GLU A 404 -6.68 12.02 19.26
C GLU A 404 -6.93 11.28 17.95
N GLU A 405 -6.42 11.82 16.86
CA GLU A 405 -6.58 11.21 15.54
C GLU A 405 -5.21 11.14 14.87
N PRO A 406 -5.06 10.21 13.91
CA PRO A 406 -3.78 10.06 13.21
C PRO A 406 -3.55 11.21 12.25
N PHE A 407 -2.29 11.62 12.10
CA PHE A 407 -1.91 12.70 11.18
C PHE A 407 -0.86 12.11 10.26
N VAL A 408 -0.78 12.65 9.04
CA VAL A 408 0.20 12.18 8.08
C VAL A 408 0.87 13.38 7.43
N LEU A 409 2.06 13.15 6.90
CA LEU A 409 2.80 14.19 6.19
C LEU A 409 2.50 13.91 4.72
N VAL A 410 1.82 14.85 4.08
CA VAL A 410 1.46 14.70 2.67
C VAL A 410 2.44 15.43 1.77
N THR A 411 2.92 14.75 0.75
CA THR A 411 3.83 15.35 -0.23
C THR A 411 3.03 15.44 -1.53
N ILE A 412 3.10 16.60 -2.16
CA ILE A 412 2.37 16.85 -3.38
C ILE A 412 3.31 17.43 -4.44
N ILE A 413 3.12 17.00 -5.68
CA ILE A 413 3.90 17.51 -6.81
C ILE A 413 2.86 17.93 -7.83
N THR A 414 3.00 19.15 -8.34
CA THR A 414 2.03 19.70 -9.29
C THR A 414 2.56 20.83 -10.15
N PRO A 415 1.97 21.01 -11.34
CA PRO A 415 2.39 22.10 -12.23
C PRO A 415 2.03 23.39 -11.47
N LYS A 416 2.83 24.43 -11.65
CA LYS A 416 2.59 25.73 -10.98
C LYS A 416 1.16 26.22 -10.98
N GLU A 417 0.54 26.19 -12.15
CA GLU A 417 -0.82 26.68 -12.33
C GLU A 417 -1.84 26.22 -11.30
N TYR A 418 -1.68 25.00 -10.79
CA TYR A 418 -2.65 24.48 -9.82
C TYR A 418 -2.29 24.64 -8.34
N VAL A 419 -1.12 25.17 -8.05
CA VAL A 419 -0.71 25.35 -6.66
C VAL A 419 -1.76 26.08 -5.83
N GLY A 420 -2.30 27.18 -6.35
CA GLY A 420 -3.28 27.95 -5.62
C GLY A 420 -4.47 27.11 -5.18
N PRO A 421 -5.20 26.50 -6.12
CA PRO A 421 -6.36 25.68 -5.78
C PRO A 421 -6.01 24.53 -4.84
N ILE A 422 -4.82 23.96 -5.03
CA ILE A 422 -4.40 22.85 -4.18
C ILE A 422 -4.14 23.32 -2.74
N ILE A 423 -3.46 24.46 -2.60
CA ILE A 423 -3.20 25.01 -1.27
C ILE A 423 -4.53 25.31 -0.58
N GLN A 424 -5.50 25.81 -1.34
CA GLN A 424 -6.79 26.13 -0.74
C GLN A 424 -7.50 24.85 -0.31
N LEU A 425 -7.30 23.78 -1.05
CA LEU A 425 -7.93 22.51 -0.72
C LEU A 425 -7.33 21.94 0.57
N CYS A 426 -6.01 21.87 0.64
CA CYS A 426 -5.33 21.35 1.81
C CYS A 426 -5.72 22.11 3.07
N GLN A 427 -5.76 23.43 2.95
CA GLN A 427 -6.11 24.30 4.07
C GLN A 427 -7.55 24.01 4.48
N GLU A 428 -8.41 23.79 3.51
CA GLU A 428 -9.81 23.48 3.80
C GLU A 428 -9.85 22.20 4.62
N LYS A 429 -8.96 21.27 4.30
CA LYS A 429 -8.91 19.99 4.99
C LYS A 429 -8.00 19.99 6.20
N ARG A 430 -7.91 21.15 6.86
CA ARG A 430 -7.09 21.30 8.06
C ARG A 430 -5.62 20.96 7.88
N GLY A 431 -5.07 21.32 6.73
CA GLY A 431 -3.67 21.05 6.48
C GLY A 431 -2.78 22.21 6.91
N ILE A 432 -1.61 21.88 7.44
CA ILE A 432 -0.63 22.87 7.87
C ILE A 432 0.53 22.72 6.92
N GLN A 433 0.84 23.77 6.15
CA GLN A 433 1.93 23.68 5.20
C GLN A 433 3.25 23.68 5.96
N LYS A 434 4.14 22.79 5.57
CA LYS A 434 5.44 22.69 6.22
C LYS A 434 6.56 23.07 5.28
N ASN A 435 6.34 22.84 3.99
CA ASN A 435 7.36 23.15 3.02
C ASN A 435 6.77 23.42 1.64
N MET A 436 7.56 24.11 0.82
CA MET A 436 7.18 24.44 -0.53
C MET A 436 8.44 24.72 -1.34
N THR A 437 8.63 23.98 -2.42
CA THR A 437 9.81 24.15 -3.26
C THR A 437 9.46 23.93 -4.73
N TYR A 438 10.33 24.40 -5.62
CA TYR A 438 10.14 24.26 -7.06
C TYR A 438 11.04 23.13 -7.60
N LEU A 439 10.42 22.10 -8.20
CA LEU A 439 11.17 20.98 -8.78
C LEU A 439 11.83 21.45 -10.06
N ASP A 440 11.23 22.48 -10.64
CA ASP A 440 11.73 23.15 -11.85
C ASP A 440 10.88 24.41 -11.97
N PRO A 441 11.19 25.29 -12.93
CA PRO A 441 10.41 26.54 -13.08
C PRO A 441 8.88 26.42 -13.17
N ASN A 442 8.37 25.25 -13.51
CA ASN A 442 6.92 25.08 -13.63
C ASN A 442 6.33 23.98 -12.76
N THR A 443 7.14 23.46 -11.84
CA THR A 443 6.69 22.37 -10.98
C THR A 443 6.94 22.64 -9.51
N VAL A 444 5.86 22.57 -8.74
CA VAL A 444 5.93 22.83 -7.32
C VAL A 444 5.82 21.59 -6.46
N TYR A 445 6.60 21.60 -5.39
CA TYR A 445 6.63 20.51 -4.40
C TYR A 445 6.03 21.08 -3.12
N LEU A 446 5.11 20.35 -2.51
CA LEU A 446 4.48 20.81 -1.28
C LEU A 446 4.44 19.72 -0.22
N GLU A 447 4.61 20.12 1.04
CA GLU A 447 4.54 19.20 2.17
C GLU A 447 3.49 19.74 3.13
N TYR A 448 2.53 18.90 3.50
CA TYR A 448 1.45 19.29 4.40
C TYR A 448 1.21 18.26 5.49
N GLU A 449 0.98 18.73 6.71
CA GLU A 449 0.65 17.84 7.82
C GLU A 449 -0.88 17.92 7.85
N MET A 450 -1.53 16.79 7.59
CA MET A 450 -2.98 16.74 7.56
C MET A 450 -3.51 15.57 8.33
N PRO A 451 -4.75 15.68 8.82
CA PRO A 451 -5.34 14.56 9.57
C PRO A 451 -5.65 13.51 8.50
N LEU A 452 -5.42 12.23 8.80
CA LEU A 452 -5.72 11.18 7.83
C LEU A 452 -7.22 11.15 7.57
N SER A 453 -8.01 11.45 8.59
CA SER A 453 -9.47 11.46 8.45
C SER A 453 -9.95 12.43 7.34
N GLU A 454 -9.21 13.49 7.08
CA GLU A 454 -9.60 14.45 6.05
C GLU A 454 -9.19 13.94 4.67
N ILE A 455 -8.04 13.28 4.62
CA ILE A 455 -7.50 12.73 3.39
C ILE A 455 -8.31 11.59 2.80
N ILE A 456 -8.96 10.78 3.65
CA ILE A 456 -9.71 9.64 3.14
C ILE A 456 -11.14 9.87 2.66
N VAL A 457 -11.66 11.09 2.76
CA VAL A 457 -13.02 11.35 2.32
C VAL A 457 -13.20 11.66 0.84
N ASP A 458 -12.51 12.68 0.34
CA ASP A 458 -12.65 13.05 -1.06
C ASP A 458 -11.44 13.83 -1.56
N PHE A 459 -10.35 13.76 -0.81
CA PHE A 459 -9.14 14.46 -1.17
C PHE A 459 -8.62 14.02 -2.51
N HIS A 460 -8.58 12.71 -2.72
CA HIS A 460 -8.07 12.17 -3.97
C HIS A 460 -8.76 12.70 -5.24
N ASP A 461 -10.08 12.63 -5.29
CA ASP A 461 -10.78 13.11 -6.47
C ASP A 461 -10.75 14.62 -6.62
N LYS A 462 -10.79 15.36 -5.52
CA LYS A 462 -10.73 16.83 -5.59
C LYS A 462 -9.38 17.30 -6.12
N ILE A 463 -8.31 16.72 -5.61
CA ILE A 463 -6.98 17.10 -6.04
C ILE A 463 -6.79 16.73 -7.51
N LYS A 464 -7.40 15.61 -7.93
CA LYS A 464 -7.28 15.17 -9.29
C LYS A 464 -8.08 16.03 -10.28
N SER A 465 -9.28 16.44 -9.90
CA SER A 465 -10.08 17.26 -10.81
C SER A 465 -9.52 18.67 -10.93
N ILE A 466 -9.06 19.25 -9.82
CA ILE A 466 -8.50 20.59 -9.88
C ILE A 466 -7.16 20.63 -10.62
N SER A 467 -6.48 19.49 -10.71
CA SER A 467 -5.18 19.47 -11.40
C SER A 467 -5.30 18.78 -12.74
N ARG A 468 -6.52 18.44 -13.12
CA ARG A 468 -6.74 17.74 -14.38
C ARG A 468 -5.89 16.47 -14.42
N GLY A 469 -5.70 15.87 -13.25
CA GLY A 469 -4.93 14.65 -13.14
C GLY A 469 -3.43 14.79 -13.17
N PHE A 470 -2.93 16.02 -13.28
CA PHE A 470 -1.48 16.25 -13.34
C PHE A 470 -0.79 16.31 -11.98
N ALA A 471 -1.55 16.49 -10.93
CA ALA A 471 -0.98 16.55 -9.59
C ALA A 471 -0.96 15.17 -8.95
N SER A 472 0.12 14.87 -8.25
CA SER A 472 0.26 13.59 -7.56
C SER A 472 0.60 13.82 -6.09
N TYR A 473 0.30 12.86 -5.24
CA TYR A 473 0.63 13.02 -3.83
C TYR A 473 0.91 11.67 -3.19
N ASP A 474 1.59 11.73 -2.04
CA ASP A 474 1.96 10.57 -1.27
C ASP A 474 1.92 11.07 0.18
N TYR A 475 1.94 10.15 1.14
CA TYR A 475 1.92 10.56 2.53
C TYR A 475 2.44 9.48 3.47
N GLU A 476 2.88 9.88 4.65
CA GLU A 476 3.38 8.94 5.64
C GLU A 476 2.87 9.28 7.03
N PHE A 477 2.45 8.24 7.75
CA PHE A 477 1.93 8.41 9.10
C PHE A 477 2.99 9.08 9.98
N ILE A 478 2.62 10.14 10.68
CA ILE A 478 3.55 10.83 11.56
C ILE A 478 3.10 10.82 13.02
N GLY A 479 1.96 10.18 13.30
CA GLY A 479 1.50 10.09 14.68
C GLY A 479 0.14 10.66 15.05
N TYR A 480 -0.26 10.40 16.29
CA TYR A 480 -1.53 10.89 16.82
C TYR A 480 -1.41 12.26 17.47
N ARG A 481 -2.48 13.04 17.37
CA ARG A 481 -2.51 14.37 17.95
C ARG A 481 -3.92 14.67 18.42
N PRO A 482 -4.05 15.38 19.54
CA PRO A 482 -5.37 15.72 20.09
C PRO A 482 -6.06 16.72 19.16
N SER A 483 -7.37 16.58 19.01
CA SER A 483 -8.13 17.47 18.15
C SER A 483 -9.56 17.58 18.68
N ASP A 484 -10.22 18.68 18.37
CA ASP A 484 -11.59 18.90 18.83
C ASP A 484 -12.55 18.16 17.90
N LEU A 485 -12.67 16.85 18.11
CA LEU A 485 -13.53 16.01 17.28
C LEU A 485 -14.84 15.65 17.98
N ILE A 486 -15.92 15.56 17.21
CA ILE A 486 -17.21 15.21 17.77
C ILE A 486 -17.95 14.19 16.92
N LYS A 487 -18.93 13.54 17.53
CA LYS A 487 -19.72 12.51 16.85
C LYS A 487 -21.02 13.10 16.31
N LEU A 488 -21.29 12.87 15.04
CA LEU A 488 -22.54 13.35 14.47
C LEU A 488 -23.39 12.13 14.15
N THR A 489 -24.69 12.25 14.33
CA THR A 489 -25.60 11.15 14.02
C THR A 489 -26.51 11.55 12.88
N VAL A 490 -26.90 10.56 12.08
CA VAL A 490 -27.80 10.82 10.96
C VAL A 490 -29.15 10.21 11.27
N LEU A 491 -30.20 11.00 11.09
CA LEU A 491 -31.56 10.56 11.34
C LEU A 491 -32.42 10.61 10.08
N ILE A 492 -33.25 9.59 9.91
CA ILE A 492 -34.15 9.52 8.76
C ILE A 492 -35.53 9.23 9.34
N ASN A 493 -36.40 10.24 9.31
CA ASN A 493 -37.73 10.11 9.88
C ASN A 493 -37.57 9.83 11.36
N LYS A 494 -36.81 10.69 12.03
CA LYS A 494 -36.54 10.59 13.46
C LYS A 494 -35.93 9.25 13.83
N LYS A 495 -35.58 8.46 12.82
CA LYS A 495 -34.96 7.16 13.05
C LYS A 495 -33.44 7.32 12.89
N PRO A 496 -32.68 7.00 13.95
CA PRO A 496 -31.22 7.12 13.89
C PRO A 496 -30.54 5.94 13.21
N VAL A 497 -29.67 6.24 12.25
CA VAL A 497 -28.94 5.20 11.53
C VAL A 497 -27.49 5.21 12.01
N ASP A 498 -27.20 4.40 13.03
CA ASP A 498 -25.85 4.34 13.60
C ASP A 498 -24.77 4.03 12.58
N ALA A 499 -25.16 3.34 11.52
CA ALA A 499 -24.21 2.99 10.48
C ALA A 499 -23.78 4.25 9.73
N LEU A 500 -24.52 5.34 9.94
CA LEU A 500 -24.21 6.60 9.27
C LEU A 500 -23.58 7.62 10.21
N SER A 501 -23.50 7.29 11.49
CA SER A 501 -22.89 8.23 12.43
C SER A 501 -21.43 8.36 12.04
N PHE A 502 -20.84 9.53 12.26
CA PHE A 502 -19.45 9.71 11.91
C PHE A 502 -18.74 10.73 12.79
N ILE A 503 -17.41 10.71 12.74
CA ILE A 503 -16.59 11.61 13.55
C ILE A 503 -16.01 12.71 12.67
N VAL A 504 -16.14 13.95 13.13
CA VAL A 504 -15.68 15.11 12.38
C VAL A 504 -15.11 16.17 13.33
N HIS A 505 -14.28 17.06 12.82
CA HIS A 505 -13.73 18.12 13.66
C HIS A 505 -14.89 19.09 13.90
N ALA A 506 -14.97 19.65 15.10
CA ALA A 506 -16.03 20.58 15.46
C ALA A 506 -16.21 21.71 14.45
N ASP A 507 -15.12 22.25 13.95
CA ASP A 507 -15.22 23.35 13.00
C ASP A 507 -15.74 22.92 11.63
N ARG A 508 -15.51 21.66 11.25
CA ARG A 508 -15.96 21.18 9.95
C ARG A 508 -17.32 20.52 9.99
N ALA A 509 -17.84 20.30 11.19
CA ALA A 509 -19.12 19.64 11.43
C ALA A 509 -20.29 20.13 10.57
N GLN A 510 -20.47 21.45 10.49
CA GLN A 510 -21.56 22.04 9.74
C GLN A 510 -21.55 21.70 8.25
N LYS A 511 -20.38 21.83 7.62
CA LYS A 511 -20.26 21.52 6.21
C LYS A 511 -20.44 20.03 5.96
N PHE A 512 -19.79 19.20 6.76
CA PHE A 512 -19.93 17.77 6.60
C PHE A 512 -21.39 17.37 6.73
N ALA A 513 -22.08 18.01 7.68
CA ALA A 513 -23.49 17.73 7.92
C ALA A 513 -24.29 18.01 6.66
N ARG A 514 -24.10 19.20 6.09
CA ARG A 514 -24.78 19.58 4.86
C ARG A 514 -24.49 18.59 3.73
N ARG A 515 -23.21 18.32 3.49
CA ARG A 515 -22.83 17.40 2.44
C ARG A 515 -23.54 16.05 2.63
N VAL A 516 -23.40 15.49 3.83
CA VAL A 516 -24.02 14.21 4.16
C VAL A 516 -25.53 14.19 3.89
N ALA A 517 -26.24 15.20 4.37
CA ALA A 517 -27.68 15.29 4.19
C ALA A 517 -28.02 15.38 2.70
N GLU A 518 -27.35 16.32 2.01
CA GLU A 518 -27.55 16.52 0.58
C GLU A 518 -27.19 15.28 -0.21
N LYS A 519 -26.27 14.48 0.32
CA LYS A 519 -25.84 13.25 -0.33
C LYS A 519 -26.96 12.21 -0.31
N LEU A 520 -27.59 12.05 0.85
CA LEU A 520 -28.67 11.07 0.99
C LEU A 520 -29.96 11.54 0.33
N ARG A 521 -30.09 12.86 0.14
CA ARG A 521 -31.27 13.42 -0.49
C ARG A 521 -31.34 12.91 -1.92
N GLU A 522 -30.20 12.50 -2.46
CA GLU A 522 -30.11 11.99 -3.82
C GLU A 522 -29.92 10.47 -3.81
N THR A 523 -29.24 9.97 -2.79
CA THR A 523 -28.97 8.54 -2.65
C THR A 523 -30.23 7.75 -2.28
N ILE A 524 -31.19 8.43 -1.66
CA ILE A 524 -32.43 7.78 -1.25
C ILE A 524 -33.48 7.92 -2.35
N PRO A 525 -34.02 6.79 -2.83
CA PRO A 525 -35.04 6.76 -3.89
C PRO A 525 -36.33 7.49 -3.58
N ARG A 526 -36.72 8.39 -4.49
CA ARG A 526 -37.93 9.18 -4.34
C ARG A 526 -39.13 8.24 -4.21
N GLN A 527 -39.92 8.42 -3.16
CA GLN A 527 -41.07 7.57 -2.92
C GLN A 527 -42.22 8.34 -2.27
N LEU A 528 -43.23 7.62 -1.81
CA LEU A 528 -44.38 8.25 -1.17
C LEU A 528 -43.93 8.99 0.08
N PHE A 529 -44.32 8.47 1.24
CA PHE A 529 -43.95 9.05 2.54
C PHE A 529 -42.69 9.91 2.47
N GLU A 530 -42.83 11.18 2.80
CA GLU A 530 -41.70 12.11 2.78
C GLU A 530 -40.63 11.63 3.73
N VAL A 531 -39.40 11.49 3.25
CA VAL A 531 -38.31 11.06 4.12
C VAL A 531 -37.57 12.31 4.57
N HIS A 532 -37.43 12.43 5.88
CA HIS A 532 -36.75 13.58 6.47
C HIS A 532 -35.38 13.14 6.93
N ILE A 533 -34.35 13.76 6.37
CA ILE A 533 -32.98 13.44 6.74
C ILE A 533 -32.44 14.53 7.64
N GLN A 534 -31.94 14.13 8.80
CA GLN A 534 -31.39 15.07 9.75
C GLN A 534 -30.01 14.63 10.20
N VAL A 535 -29.13 15.59 10.43
CA VAL A 535 -27.79 15.31 10.91
C VAL A 535 -27.75 16.00 12.26
N ALA A 536 -27.59 15.23 13.32
CA ALA A 536 -27.57 15.79 14.67
C ALA A 536 -26.20 15.81 15.34
N LYS A 537 -26.04 16.80 16.21
CA LYS A 537 -24.82 16.98 16.99
C LYS A 537 -25.24 16.88 18.45
N GLY A 538 -25.13 15.68 19.01
CA GLY A 538 -25.52 15.48 20.39
C GLY A 538 -26.95 15.94 20.60
N GLY A 539 -27.87 15.42 19.79
CA GLY A 539 -29.27 15.78 19.92
C GLY A 539 -29.68 17.05 19.19
N LYS A 540 -28.71 17.88 18.83
CA LYS A 540 -29.03 19.12 18.12
C LYS A 540 -28.97 18.92 16.62
N VAL A 541 -30.09 19.10 15.94
CA VAL A 541 -30.12 18.95 14.48
C VAL A 541 -29.39 20.15 13.88
N ILE A 542 -28.36 19.87 13.08
CA ILE A 542 -27.60 20.96 12.46
C ILE A 542 -27.67 20.95 10.94
N ALA A 543 -28.43 20.02 10.39
CA ALA A 543 -28.60 19.93 8.95
C ALA A 543 -29.83 19.10 8.67
N SER A 544 -30.77 19.69 7.94
CA SER A 544 -32.01 19.02 7.59
C SER A 544 -32.20 19.00 6.08
N GLU A 545 -32.62 17.86 5.57
CA GLU A 545 -32.85 17.70 4.14
C GLU A 545 -33.99 16.69 4.01
N ARG A 546 -35.04 17.06 3.29
CA ARG A 546 -36.15 16.14 3.12
C ARG A 546 -36.62 16.07 1.67
N ILE A 547 -36.92 14.85 1.23
CA ILE A 547 -37.37 14.63 -0.13
C ILE A 547 -38.89 14.49 -0.19
N LYS A 548 -39.52 15.51 -0.76
CA LYS A 548 -40.97 15.58 -0.91
C LYS A 548 -41.57 14.24 -1.31
N PRO A 549 -42.76 13.92 -0.77
CA PRO A 549 -43.43 12.66 -1.08
C PRO A 549 -43.83 12.58 -2.55
N LEU A 550 -43.88 11.36 -3.08
CA LEU A 550 -44.25 11.14 -4.48
C LEU A 550 -45.69 11.62 -4.67
N ARG A 551 -45.85 12.69 -5.45
CA ARG A 551 -47.16 13.29 -5.72
C ARG A 551 -47.58 14.25 -4.61
#